data_5QIR
#
_entry.id   5QIR
#
_cell.length_a   47.300
_cell.length_b   58.462
_cell.length_c   49.794
_cell.angle_alpha   90.000
_cell.angle_beta   115.940
_cell.angle_gamma   90.000
#
_symmetry.space_group_name_H-M   'P 1 21 1'
#
loop_
_entity.id
_entity.type
_entity.pdbx_description
1 polymer 'Ubiquitin thioesterase OTUB2'
2 non-polymer N-[(4-fluoro-3-methylphenyl)methyl]acetamide
3 non-polymer DI(HYDROXYETHYL)ETHER
4 non-polymer 1,2-ETHANEDIOL
5 water water
#
_entity_poly.entity_id   1
_entity_poly.type   'polypeptide(L)'
_entity_poly.pdbx_seq_one_letter_code
;FNLISEKCDILSILRDHPENRIYRRKIEELSKRFTAIRKTKGDRNCFYRALGYSYLESLLGKSREIFKFKERVLQTPNDL
LAAGFEEHKFRNFFNAFYSVVELVEKDGSVSSLLKVFNDQSASDHIVQFLRLLTSAFIRNRADFFRHFIDEEMDIKDFCT
HEVEPMATECDHIQITALSQALSIALQVEYVDEMDTALNHHVFPEAATPSVYLLYKTSHYNILYA
;
_entity_poly.pdbx_strand_id   A
#
loop_
_chem_comp.id
_chem_comp.type
_chem_comp.name
_chem_comp.formula
EDO non-polymer 1,2-ETHANEDIOL 'C2 H6 O2'
J5D non-polymer N-[(4-fluoro-3-methylphenyl)methyl]acetamide 'C10 H12 F N O'
PEG non-polymer DI(HYDROXYETHYL)ETHER 'C4 H10 O3'
#
# COMPACT_ATOMS: atom_id res chain seq x y z
N PHE A 1 9.14 -6.51 15.37
CA PHE A 1 7.97 -6.43 14.43
C PHE A 1 6.97 -5.34 14.87
N ASN A 2 7.44 -4.11 15.14
CA ASN A 2 6.65 -3.02 15.61
C ASN A 2 5.93 -2.27 14.45
N LEU A 3 6.34 -2.43 13.20
CA LEU A 3 5.66 -1.74 12.05
C LEU A 3 4.76 -2.71 11.22
N ILE A 4 5.25 -3.92 10.95
CA ILE A 4 4.47 -4.99 10.27
C ILE A 4 4.66 -6.29 11.08
N SER A 5 3.57 -6.89 11.51
CA SER A 5 3.59 -8.05 12.38
C SER A 5 3.93 -9.34 11.62
N GLU A 6 4.19 -10.39 12.42
CA GLU A 6 4.17 -11.80 11.97
C GLU A 6 2.73 -12.16 11.52
N LYS A 7 2.61 -13.24 10.71
CA LYS A 7 1.30 -13.73 10.29
C LYS A 7 0.54 -14.32 11.49
N CYS A 8 -0.76 -14.03 11.57
CA CYS A 8 -1.67 -14.58 12.60
C CYS A 8 -2.92 -15.17 11.93
N ASP A 9 -3.60 -16.06 12.65
CA ASP A 9 -4.92 -16.57 12.22
C ASP A 9 -5.91 -15.41 12.14
N ILE A 10 -6.77 -15.40 11.12
CA ILE A 10 -7.78 -14.31 10.92
C ILE A 10 -8.61 -14.12 12.22
N LEU A 11 -9.04 -15.21 12.87
CA LEU A 11 -9.96 -15.06 14.03
C LEU A 11 -9.26 -14.42 15.24
N SER A 12 -7.94 -14.33 15.21
CA SER A 12 -7.19 -13.67 16.34
C SER A 12 -7.56 -12.18 16.49
N ILE A 13 -8.19 -11.58 15.48
CA ILE A 13 -8.57 -10.16 15.61
C ILE A 13 -9.96 -9.97 16.29
N LEU A 14 -10.68 -11.05 16.60
CA LEU A 14 -11.88 -10.91 17.46
C LEU A 14 -11.55 -10.17 18.75
N ARG A 15 -10.36 -10.45 19.33
CA ARG A 15 -9.99 -9.85 20.62
C ARG A 15 -9.86 -8.32 20.55
N ASP A 16 -9.79 -7.73 19.34
CA ASP A 16 -9.66 -6.27 19.17
C ASP A 16 -11.06 -5.62 19.28
N HIS A 17 -12.12 -6.44 19.16
CA HIS A 17 -13.52 -6.00 19.17
C HIS A 17 -14.37 -6.88 20.06
N PRO A 18 -14.02 -6.99 21.37
CA PRO A 18 -14.65 -7.99 22.21
C PRO A 18 -16.14 -7.66 22.39
N GLU A 19 -16.96 -8.73 22.45
CA GLU A 19 -18.39 -8.60 22.73
C GLU A 19 -19.09 -7.65 21.75
N ASN A 20 -18.55 -7.50 20.54
CA ASN A 20 -19.17 -6.63 19.56
C ASN A 20 -19.84 -7.46 18.45
N ARG A 21 -21.19 -7.40 18.35
CA ARG A 21 -22.02 -8.29 17.50
C ARG A 21 -21.66 -8.12 16.03
N ILE A 22 -21.57 -6.87 15.56
CA ILE A 22 -21.39 -6.60 14.09
C ILE A 22 -19.94 -6.92 13.69
N TYR A 23 -18.96 -6.50 14.48
CA TYR A 23 -17.61 -6.82 14.14
C TYR A 23 -17.37 -8.35 14.21
N ARG A 24 -17.93 -9.03 15.21
CA ARG A 24 -17.76 -10.50 15.28
C ARG A 24 -18.35 -11.15 14.00
N ARG A 25 -19.56 -10.72 13.62
CA ARG A 25 -20.23 -11.28 12.42
C ARG A 25 -19.33 -11.14 11.18
N LYS A 26 -18.83 -9.92 10.96
CA LYS A 26 -18.07 -9.62 9.76
C LYS A 26 -16.72 -10.33 9.74
N ILE A 27 -16.05 -10.42 10.91
CA ILE A 27 -14.75 -11.10 10.99
C ILE A 27 -14.96 -12.60 10.76
N GLU A 28 -16.05 -13.18 11.31
CA GLU A 28 -16.32 -14.60 11.06
C GLU A 28 -16.51 -14.84 9.56
N GLU A 29 -17.29 -13.96 8.91
CA GLU A 29 -17.50 -14.08 7.44
C GLU A 29 -16.16 -13.95 6.69
N LEU A 30 -15.32 -12.99 7.11
CA LEU A 30 -14.01 -12.77 6.46
C LEU A 30 -13.14 -14.05 6.55
N SER A 31 -13.23 -14.77 7.69
CA SER A 31 -12.42 -15.99 7.95
C SER A 31 -12.80 -17.14 6.99
N LYS A 32 -13.94 -17.02 6.33
CA LYS A 32 -14.40 -18.08 5.39
C LYS A 32 -13.67 -17.91 4.06
N ARG A 33 -13.10 -16.70 3.79
CA ARG A 33 -12.48 -16.35 2.49
C ARG A 33 -10.97 -16.15 2.57
N PHE A 34 -10.45 -15.86 3.79
CA PHE A 34 -9.05 -15.56 4.01
C PHE A 34 -8.53 -16.40 5.19
N THR A 35 -7.28 -16.80 5.15
CA THR A 35 -6.70 -17.70 6.18
C THR A 35 -5.83 -16.96 7.23
N ALA A 36 -5.24 -15.82 6.85
CA ALA A 36 -4.25 -15.20 7.74
C ALA A 36 -4.24 -13.68 7.55
N ILE A 37 -3.63 -12.99 8.55
CA ILE A 37 -3.57 -11.53 8.56
C ILE A 37 -2.22 -11.09 9.16
N ARG A 38 -1.71 -9.96 8.66
CA ARG A 38 -0.63 -9.24 9.33
C ARG A 38 -1.17 -7.85 9.68
N LYS A 39 -0.84 -7.42 10.89
CA LYS A 39 -1.23 -6.08 11.40
C LYS A 39 -0.11 -5.08 11.09
N THR A 40 -0.48 -3.82 10.88
CA THR A 40 0.42 -2.69 10.64
C THR A 40 0.24 -1.61 11.73
N LYS A 41 1.30 -0.87 12.05
CA LYS A 41 1.26 0.24 13.03
C LYS A 41 0.43 1.41 12.47
N GLY A 42 -0.51 1.88 13.29
CA GLY A 42 -1.41 3.01 12.93
C GLY A 42 -0.76 4.36 13.18
N ASP A 43 0.16 4.74 12.33
CA ASP A 43 0.94 6.00 12.48
C ASP A 43 0.64 7.05 11.39
N ARG A 44 -0.40 6.80 10.58
CA ARG A 44 -0.79 7.63 9.43
C ARG A 44 -0.09 7.26 8.12
N ASN A 45 0.82 6.28 8.16
CA ASN A 45 1.56 5.78 6.96
C ASN A 45 1.16 4.35 6.54
N CYS A 46 0.15 3.77 7.23
CA CYS A 46 -0.09 2.36 7.12
C CYS A 46 -0.56 1.89 5.71
N PHE A 47 -1.23 2.73 4.91
CA PHE A 47 -1.56 2.30 3.54
C PHE A 47 -0.29 2.06 2.72
N TYR A 48 0.60 3.05 2.69
CA TYR A 48 1.83 2.96 1.87
C TYR A 48 2.70 1.79 2.35
N ARG A 49 2.87 1.68 3.68
CA ARG A 49 3.73 0.64 4.25
C ARG A 49 3.13 -0.76 3.94
N ALA A 50 1.79 -0.93 4.09
CA ALA A 50 1.18 -2.23 3.81
C ALA A 50 1.24 -2.59 2.32
N LEU A 51 0.94 -1.62 1.45
CA LEU A 51 0.93 -1.98 0.01
C LEU A 51 2.36 -2.32 -0.45
N GLY A 52 3.34 -1.50 -0.02
CA GLY A 52 4.69 -1.76 -0.41
C GLY A 52 5.17 -3.13 0.04
N TYR A 53 4.97 -3.47 1.31
CA TYR A 53 5.40 -4.78 1.83
C TYR A 53 4.64 -5.91 1.10
N SER A 54 3.32 -5.81 1.02
CA SER A 54 2.53 -6.97 0.50
CA SER A 54 2.52 -6.96 0.50
C SER A 54 2.81 -7.18 -0.99
N TYR A 55 2.96 -6.11 -1.78
CA TYR A 55 3.27 -6.33 -3.20
C TYR A 55 4.68 -6.93 -3.38
N LEU A 56 5.72 -6.36 -2.71
CA LEU A 56 7.03 -6.96 -2.88
C LEU A 56 7.05 -8.45 -2.42
N GLU A 57 6.35 -8.76 -1.30
CA GLU A 57 6.25 -10.15 -0.83
C GLU A 57 5.67 -11.09 -1.91
N SER A 58 4.68 -10.59 -2.66
CA SER A 58 4.00 -11.37 -3.69
C SER A 58 4.95 -11.66 -4.87
N LEU A 59 6.05 -10.90 -5.02
CA LEU A 59 7.02 -11.07 -6.16
C LEU A 59 8.08 -12.15 -5.85
N LEU A 60 8.24 -12.50 -4.57
CA LEU A 60 9.40 -13.37 -4.15
C LEU A 60 9.41 -14.66 -4.98
N GLY A 61 10.57 -14.98 -5.59
CA GLY A 61 10.73 -16.25 -6.38
C GLY A 61 10.21 -16.19 -7.82
N LYS A 62 9.62 -15.08 -8.26
CA LYS A 62 9.00 -14.93 -9.61
C LYS A 62 9.91 -14.12 -10.53
N SER A 63 10.78 -14.81 -11.27
CA SER A 63 11.91 -14.14 -11.96
C SER A 63 11.45 -13.19 -13.08
N ARG A 64 10.41 -13.56 -13.85
CA ARG A 64 9.90 -12.66 -14.94
C ARG A 64 9.25 -11.40 -14.33
N GLU A 65 8.44 -11.60 -13.31
CA GLU A 65 7.69 -10.50 -12.68
C GLU A 65 8.67 -9.53 -12.01
N ILE A 66 9.69 -10.03 -11.34
CA ILE A 66 10.74 -9.19 -10.76
C ILE A 66 11.42 -8.36 -11.87
N PHE A 67 11.84 -9.00 -12.96
CA PHE A 67 12.51 -8.28 -14.06
C PHE A 67 11.64 -7.12 -14.58
N LYS A 68 10.35 -7.37 -14.80
CA LYS A 68 9.43 -6.35 -15.35
C LYS A 68 9.22 -5.22 -14.32
N PHE A 69 9.11 -5.57 -13.02
CA PHE A 69 8.90 -4.54 -12.00
C PHE A 69 10.14 -3.65 -11.88
N LYS A 70 11.32 -4.27 -11.83
CA LYS A 70 12.59 -3.50 -11.80
C LYS A 70 12.67 -2.50 -12.98
N GLU A 71 12.31 -2.98 -14.18
CA GLU A 71 12.32 -2.11 -15.41
C GLU A 71 11.43 -0.86 -15.17
N ARG A 72 10.23 -1.06 -14.62
CA ARG A 72 9.34 0.07 -14.28
C ARG A 72 9.97 1.02 -13.23
N VAL A 73 10.50 0.44 -12.16
CA VAL A 73 11.03 1.26 -11.07
C VAL A 73 12.19 2.13 -11.61
N LEU A 74 13.06 1.55 -12.47
CA LEU A 74 14.16 2.32 -13.10
C LEU A 74 13.67 3.60 -13.84
N GLN A 75 12.43 3.62 -14.34
CA GLN A 75 11.89 4.80 -15.07
C GLN A 75 11.25 5.84 -14.13
N THR A 76 10.95 5.49 -12.88
CA THR A 76 10.20 6.39 -11.96
C THR A 76 10.90 7.74 -11.73
N PRO A 77 12.27 7.84 -11.70
CA PRO A 77 12.89 9.17 -11.61
C PRO A 77 12.32 10.14 -12.66
N ASN A 78 12.00 9.63 -13.85
CA ASN A 78 11.52 10.51 -14.93
C ASN A 78 10.09 11.03 -14.61
N ASP A 79 9.26 10.20 -13.94
CA ASP A 79 7.94 10.66 -13.49
C ASP A 79 8.10 11.84 -12.51
N LEU A 80 9.01 11.66 -11.56
CA LEU A 80 9.30 12.69 -10.46
C LEU A 80 9.82 13.99 -11.09
N LEU A 81 10.76 13.89 -12.04
CA LEU A 81 11.32 15.09 -12.70
C LEU A 81 10.22 15.81 -13.51
N ALA A 82 9.36 15.05 -14.24
CA ALA A 82 8.34 15.66 -15.07
C ALA A 82 7.32 16.46 -14.24
N ALA A 83 7.16 16.08 -12.95
CA ALA A 83 6.21 16.75 -12.00
C ALA A 83 6.85 17.89 -11.20
N GLY A 84 8.13 18.14 -11.46
CA GLY A 84 8.90 19.29 -10.76
C GLY A 84 9.76 18.91 -9.59
N PHE A 85 9.81 17.63 -9.21
CA PHE A 85 10.70 17.22 -8.13
C PHE A 85 12.14 17.25 -8.65
N GLU A 86 13.06 17.61 -7.74
CA GLU A 86 14.48 17.73 -8.06
C GLU A 86 15.26 16.47 -7.66
N GLU A 87 16.15 15.98 -8.54
CA GLU A 87 16.87 14.73 -8.32
C GLU A 87 17.61 14.74 -6.99
N HIS A 88 18.29 15.86 -6.65
CA HIS A 88 19.08 15.82 -5.43
C HIS A 88 18.20 15.70 -4.17
N LYS A 89 16.96 16.10 -4.25
CA LYS A 89 16.00 15.98 -3.14
C LYS A 89 15.26 14.61 -3.09
N PHE A 90 15.12 13.91 -4.22
CA PHE A 90 14.44 12.57 -4.15
C PHE A 90 15.42 11.38 -4.15
N ARG A 91 16.70 11.65 -4.43
CA ARG A 91 17.78 10.60 -4.57
C ARG A 91 17.76 9.59 -3.41
N ASN A 92 17.77 10.06 -2.17
CA ASN A 92 17.92 9.16 -1.02
C ASN A 92 16.70 8.20 -0.95
N PHE A 93 15.50 8.67 -1.34
CA PHE A 93 14.24 7.94 -1.26
C PHE A 93 14.13 6.93 -2.41
N PHE A 94 14.48 7.39 -3.61
CA PHE A 94 14.57 6.45 -4.77
C PHE A 94 15.59 5.33 -4.48
N ASN A 95 16.78 5.67 -3.96
CA ASN A 95 17.82 4.66 -3.77
C ASN A 95 17.33 3.61 -2.75
N ALA A 96 16.63 4.05 -1.69
CA ALA A 96 16.08 3.09 -0.69
C ALA A 96 15.06 2.12 -1.30
N PHE A 97 14.21 2.62 -2.19
CA PHE A 97 13.20 1.75 -2.85
C PHE A 97 13.90 0.76 -3.80
N TYR A 98 14.82 1.27 -4.64
CA TYR A 98 15.53 0.38 -5.58
C TYR A 98 16.27 -0.72 -4.80
N SER A 99 16.92 -0.35 -3.68
CA SER A 99 17.59 -1.31 -2.81
C SER A 99 16.68 -2.48 -2.33
N VAL A 100 15.47 -2.19 -1.90
CA VAL A 100 14.60 -3.26 -1.40
C VAL A 100 14.10 -4.13 -2.57
N VAL A 101 13.90 -3.52 -3.76
CA VAL A 101 13.59 -4.33 -4.95
C VAL A 101 14.75 -5.29 -5.28
N GLU A 102 16.00 -4.81 -5.22
CA GLU A 102 17.17 -5.72 -5.41
C GLU A 102 17.22 -6.82 -4.29
N LEU A 103 16.83 -6.50 -3.04
CA LEU A 103 16.74 -7.53 -2.00
C LEU A 103 15.76 -8.66 -2.38
N VAL A 104 14.60 -8.28 -2.93
CA VAL A 104 13.61 -9.28 -3.34
C VAL A 104 14.25 -10.24 -4.37
N GLU A 105 15.00 -9.67 -5.33
CA GLU A 105 15.70 -10.43 -6.38
C GLU A 105 16.83 -11.30 -5.80
N LYS A 106 17.74 -10.73 -5.01
CA LYS A 106 19.02 -11.34 -4.61
C LYS A 106 18.86 -12.28 -3.39
N ASP A 107 18.15 -11.85 -2.35
CA ASP A 107 17.96 -12.58 -1.15
C ASP A 107 16.73 -13.51 -1.32
N GLY A 108 15.56 -12.94 -1.61
CA GLY A 108 14.36 -13.73 -1.91
C GLY A 108 13.63 -14.32 -0.73
N SER A 109 13.99 -13.93 0.49
CA SER A 109 13.30 -14.48 1.70
C SER A 109 12.25 -13.50 2.27
N VAL A 110 11.19 -14.05 2.87
CA VAL A 110 10.21 -13.28 3.65
C VAL A 110 10.95 -12.58 4.83
N SER A 111 11.80 -13.34 5.53
CA SER A 111 12.39 -12.81 6.76
CA SER A 111 12.45 -12.85 6.77
C SER A 111 13.24 -11.57 6.48
N SER A 112 14.02 -11.56 5.38
CA SER A 112 14.87 -10.38 5.10
CA SER A 112 14.86 -10.39 5.08
C SER A 112 14.01 -9.17 4.71
N LEU A 113 12.95 -9.40 3.92
CA LEU A 113 12.03 -8.32 3.49
C LEU A 113 11.29 -7.72 4.69
N LEU A 114 10.81 -8.58 5.59
CA LEU A 114 10.14 -8.11 6.81
C LEU A 114 11.08 -7.29 7.70
N LYS A 115 12.33 -7.69 7.82
CA LYS A 115 13.31 -6.90 8.63
C LYS A 115 13.46 -5.49 8.02
N VAL A 116 13.60 -5.35 6.69
CA VAL A 116 13.71 -3.96 6.10
C VAL A 116 12.45 -3.13 6.46
N PHE A 117 11.24 -3.72 6.31
CA PHE A 117 10.02 -2.98 6.55
C PHE A 117 9.76 -2.70 8.05
N ASN A 118 10.48 -3.43 8.96
CA ASN A 118 10.47 -3.15 10.40
C ASN A 118 11.64 -2.26 10.87
N ASP A 119 12.58 -1.91 9.99
CA ASP A 119 13.72 -0.95 10.28
C ASP A 119 13.15 0.45 10.09
N GLN A 120 13.01 1.22 11.17
CA GLN A 120 12.30 2.50 11.07
C GLN A 120 12.87 3.39 9.95
N SER A 121 14.19 3.40 9.79
CA SER A 121 14.87 4.27 8.82
C SER A 121 14.57 3.79 7.38
N ALA A 122 14.91 2.53 7.11
CA ALA A 122 14.69 2.02 5.72
C ALA A 122 13.18 2.12 5.34
N SER A 123 12.32 1.71 6.28
CA SER A 123 10.86 1.59 6.03
C SER A 123 10.30 3.00 5.74
N ASP A 124 10.70 4.00 6.55
CA ASP A 124 10.21 5.34 6.35
C ASP A 124 10.78 6.01 5.08
N HIS A 125 12.00 5.68 4.66
CA HIS A 125 12.53 6.13 3.37
C HIS A 125 11.65 5.56 2.21
N ILE A 126 11.31 4.24 2.33
CA ILE A 126 10.42 3.57 1.31
C ILE A 126 9.06 4.27 1.25
N VAL A 127 8.43 4.53 2.41
CA VAL A 127 7.13 5.22 2.44
C VAL A 127 7.26 6.62 1.79
N GLN A 128 8.30 7.39 2.12
CA GLN A 128 8.42 8.72 1.57
C GLN A 128 8.54 8.66 0.04
N PHE A 129 9.32 7.67 -0.46
CA PHE A 129 9.42 7.46 -1.95
C PHE A 129 8.02 7.24 -2.55
N LEU A 130 7.26 6.29 -1.94
CA LEU A 130 5.93 5.96 -2.45
C LEU A 130 5.03 7.20 -2.45
N ARG A 131 5.13 8.05 -1.43
CA ARG A 131 4.30 9.27 -1.37
C ARG A 131 4.68 10.25 -2.51
N LEU A 132 6.01 10.44 -2.73
CA LEU A 132 6.43 11.34 -3.82
C LEU A 132 5.99 10.80 -5.19
N LEU A 133 6.05 9.47 -5.38
CA LEU A 133 5.62 8.91 -6.71
C LEU A 133 4.10 9.08 -6.90
N THR A 134 3.32 8.86 -5.84
CA THR A 134 1.87 9.12 -5.83
C THR A 134 1.56 10.57 -6.28
N SER A 135 2.21 11.53 -5.62
CA SER A 135 2.06 12.94 -5.91
C SER A 135 2.43 13.21 -7.40
N ALA A 136 3.59 12.73 -7.86
CA ALA A 136 4.02 12.94 -9.27
C ALA A 136 2.97 12.42 -10.26
N PHE A 137 2.45 11.21 -9.97
CA PHE A 137 1.51 10.54 -10.91
C PHE A 137 0.21 11.35 -11.03
N ILE A 138 -0.32 11.87 -9.91
CA ILE A 138 -1.50 12.74 -9.89
C ILE A 138 -1.21 14.06 -10.63
N ARG A 139 -0.10 14.72 -10.28
CA ARG A 139 0.24 16.03 -10.89
C ARG A 139 0.37 15.91 -12.40
N ASN A 140 1.02 14.85 -12.89
CA ASN A 140 1.26 14.66 -14.35
C ASN A 140 -0.04 14.32 -15.11
N ARG A 141 -1.06 13.88 -14.38
CA ARG A 141 -2.35 13.52 -14.92
C ARG A 141 -3.50 14.30 -14.24
N ALA A 142 -3.32 15.61 -14.04
CA ALA A 142 -4.30 16.40 -13.30
C ALA A 142 -5.66 16.41 -14.01
N ASP A 143 -5.66 16.47 -15.35
CA ASP A 143 -6.95 16.57 -16.11
C ASP A 143 -7.74 15.28 -15.89
N PHE A 144 -7.03 14.12 -15.87
CA PHE A 144 -7.65 12.78 -15.60
C PHE A 144 -8.33 12.74 -14.24
N PHE A 145 -7.61 13.20 -13.21
CA PHE A 145 -8.14 13.16 -11.85
C PHE A 145 -9.30 14.19 -11.72
N ARG A 146 -9.19 15.37 -12.34
CA ARG A 146 -10.37 16.30 -12.32
C ARG A 146 -11.58 15.70 -13.07
N HIS A 147 -11.36 14.98 -14.18
CA HIS A 147 -12.47 14.53 -15.07
C HIS A 147 -13.23 13.40 -14.38
N PHE A 148 -12.47 12.46 -13.79
CA PHE A 148 -13.05 11.19 -13.30
C PHE A 148 -13.34 11.25 -11.78
N ILE A 149 -12.63 12.08 -11.00
CA ILE A 149 -12.77 12.08 -9.48
C ILE A 149 -13.57 13.31 -9.01
N ASP A 150 -13.12 14.51 -9.38
CA ASP A 150 -13.76 15.74 -8.80
C ASP A 150 -13.32 16.96 -9.59
N GLU A 151 -14.24 17.49 -10.44
CA GLU A 151 -13.99 18.61 -11.35
C GLU A 151 -13.58 19.88 -10.53
N GLU A 152 -13.97 19.95 -9.24
CA GLU A 152 -13.83 21.20 -8.43
C GLU A 152 -12.55 21.20 -7.60
N MET A 153 -11.78 20.07 -7.55
CA MET A 153 -10.68 19.97 -6.59
C MET A 153 -9.45 20.75 -7.11
N ASP A 154 -8.64 21.26 -6.16
CA ASP A 154 -7.35 21.90 -6.45
C ASP A 154 -6.20 20.88 -6.33
N ILE A 155 -5.72 20.39 -7.48
CA ILE A 155 -4.80 19.22 -7.57
C ILE A 155 -3.45 19.53 -6.86
N LYS A 156 -2.88 20.72 -7.10
CA LYS A 156 -1.54 21.02 -6.58
C LYS A 156 -1.60 21.14 -5.04
N ASP A 157 -2.63 21.82 -4.54
CA ASP A 157 -2.82 21.99 -3.07
C ASP A 157 -3.07 20.64 -2.41
N PHE A 158 -3.90 19.79 -3.01
CA PHE A 158 -4.21 18.44 -2.49
C PHE A 158 -2.90 17.61 -2.38
N CYS A 159 -2.07 17.63 -3.40
CA CYS A 159 -0.83 16.84 -3.35
C CYS A 159 0.13 17.36 -2.25
N THR A 160 0.24 18.71 -2.18
CA THR A 160 1.08 19.38 -1.17
C THR A 160 0.70 19.01 0.27
N HIS A 161 -0.61 18.94 0.54
CA HIS A 161 -1.09 18.80 1.91
C HIS A 161 -1.47 17.37 2.29
N GLU A 162 -1.94 16.53 1.33
CA GLU A 162 -2.61 15.28 1.67
C GLU A 162 -1.90 14.07 1.03
N VAL A 163 -0.77 14.27 0.33
CA VAL A 163 -0.04 13.12 -0.29
C VAL A 163 1.44 13.11 0.13
N GLU A 164 2.15 14.24 -0.08
CA GLU A 164 3.59 14.32 0.14
C GLU A 164 3.96 14.18 1.62
N PRO A 165 3.29 14.86 2.59
CA PRO A 165 3.76 14.81 3.98
C PRO A 165 3.64 13.42 4.60
N MET A 166 4.64 13.00 5.37
CA MET A 166 4.50 11.80 6.18
C MET A 166 3.30 11.96 7.11
N ALA A 167 2.69 10.81 7.43
CA ALA A 167 1.54 10.66 8.39
C ALA A 167 0.20 11.17 7.83
N THR A 168 0.12 11.56 6.54
CA THR A 168 -1.20 12.03 5.99
C THR A 168 -2.01 10.81 5.52
N GLU A 169 -3.27 10.78 5.93
CA GLU A 169 -4.21 9.66 5.59
C GLU A 169 -4.66 9.72 4.11
N CYS A 170 -5.04 8.56 3.57
CA CYS A 170 -5.35 8.34 2.14
CA CYS A 170 -5.37 8.59 2.15
C CYS A 170 -6.86 8.31 1.95
N ASP A 171 -7.31 8.53 0.73
CA ASP A 171 -8.64 8.28 0.26
C ASP A 171 -8.51 7.51 -1.05
N HIS A 172 -9.65 7.34 -1.75
CA HIS A 172 -9.66 6.64 -3.06
C HIS A 172 -8.64 7.20 -4.05
N ILE A 173 -8.41 8.53 -4.08
CA ILE A 173 -7.54 9.09 -5.09
C ILE A 173 -6.10 8.56 -4.95
N GLN A 174 -5.54 8.57 -3.72
CA GLN A 174 -4.17 8.11 -3.50
C GLN A 174 -4.06 6.61 -3.84
N ILE A 175 -5.08 5.82 -3.47
CA ILE A 175 -5.00 4.37 -3.74
C ILE A 175 -4.98 4.09 -5.25
N THR A 176 -5.94 4.72 -5.99
CA THR A 176 -6.00 4.62 -7.45
C THR A 176 -4.68 5.02 -8.11
N ALA A 177 -4.11 6.15 -7.66
CA ALA A 177 -2.92 6.73 -8.26
C ALA A 177 -1.69 5.84 -8.04
N LEU A 178 -1.49 5.33 -6.80
CA LEU A 178 -0.27 4.49 -6.58
C LEU A 178 -0.43 3.13 -7.30
N SER A 179 -1.66 2.57 -7.25
CA SER A 179 -1.98 1.32 -8.03
C SER A 179 -1.55 1.50 -9.53
N GLN A 180 -2.00 2.60 -10.15
CA GLN A 180 -1.71 2.88 -11.55
C GLN A 180 -0.19 3.16 -11.76
N ALA A 181 0.46 3.92 -10.83
CA ALA A 181 1.88 4.31 -10.97
C ALA A 181 2.81 3.09 -11.00
N LEU A 182 2.46 2.02 -10.28
CA LEU A 182 3.32 0.85 -10.19
C LEU A 182 2.69 -0.43 -10.81
N SER A 183 1.54 -0.28 -11.47
CA SER A 183 0.81 -1.36 -12.09
C SER A 183 0.49 -2.49 -11.09
N ILE A 184 0.09 -2.12 -9.86
CA ILE A 184 -0.27 -3.09 -8.82
C ILE A 184 -1.81 -3.23 -8.78
N ALA A 185 -2.35 -4.46 -8.91
CA ALA A 185 -3.76 -4.70 -8.73
C ALA A 185 -4.06 -5.10 -7.29
N LEU A 186 -4.95 -4.34 -6.63
CA LEU A 186 -5.21 -4.58 -5.21
C LEU A 186 -6.73 -4.60 -4.94
N GLN A 187 -7.10 -5.42 -3.94
CA GLN A 187 -8.47 -5.50 -3.46
C GLN A 187 -8.48 -5.02 -1.99
N VAL A 188 -9.39 -4.11 -1.65
CA VAL A 188 -9.62 -3.62 -0.27
C VAL A 188 -10.97 -4.15 0.22
N GLU A 189 -10.93 -4.90 1.32
CA GLU A 189 -12.10 -5.39 2.04
C GLU A 189 -12.49 -4.37 3.10
N TYR A 190 -13.78 -4.07 3.25
CA TYR A 190 -14.23 -2.99 4.22
C TYR A 190 -15.02 -3.62 5.37
N VAL A 191 -14.57 -3.38 6.60
CA VAL A 191 -15.21 -3.84 7.82
C VAL A 191 -15.52 -2.65 8.73
N ASP A 192 -16.77 -2.19 8.72
CA ASP A 192 -17.25 -1.11 9.61
C ASP A 192 -18.33 -1.65 10.56
N GLU A 193 -18.81 -0.80 11.49
CA GLU A 193 -19.76 -1.27 12.53
C GLU A 193 -21.21 -0.95 12.14
N MET A 194 -21.51 -0.84 10.85
CA MET A 194 -22.89 -0.72 10.40
C MET A 194 -23.45 -2.11 10.02
N ASP A 195 -24.77 -2.28 10.08
CA ASP A 195 -25.40 -3.61 9.93
C ASP A 195 -25.63 -3.86 8.44
N THR A 196 -24.52 -4.03 7.73
CA THR A 196 -24.45 -4.02 6.27
C THR A 196 -23.64 -5.22 5.78
N ALA A 197 -23.61 -5.48 4.47
CA ALA A 197 -22.79 -6.53 3.93
C ALA A 197 -21.28 -6.25 4.05
N LEU A 198 -20.50 -7.28 4.37
CA LEU A 198 -19.03 -7.26 4.13
C LEU A 198 -18.82 -7.12 2.63
N ASN A 199 -18.04 -6.14 2.22
CA ASN A 199 -17.93 -5.76 0.82
C ASN A 199 -16.50 -5.36 0.47
N HIS A 200 -16.20 -5.28 -0.84
CA HIS A 200 -14.83 -4.91 -1.31
C HIS A 200 -14.84 -4.10 -2.61
N HIS A 201 -13.70 -3.46 -2.89
CA HIS A 201 -13.42 -2.65 -4.15
C HIS A 201 -12.08 -3.12 -4.72
N VAL A 202 -11.99 -3.27 -6.03
CA VAL A 202 -10.76 -3.64 -6.71
C VAL A 202 -10.24 -2.45 -7.51
N PHE A 203 -8.92 -2.23 -7.40
CA PHE A 203 -8.17 -1.12 -8.08
C PHE A 203 -7.11 -1.75 -9.00
N PRO A 204 -7.23 -1.64 -10.32
CA PRO A 204 -8.30 -1.08 -11.12
C PRO A 204 -9.52 -2.01 -11.14
N GLU A 205 -10.68 -1.44 -11.52
CA GLU A 205 -11.88 -2.23 -11.63
C GLU A 205 -11.54 -3.39 -12.59
N ALA A 206 -11.94 -4.62 -12.23
CA ALA A 206 -11.94 -5.73 -13.22
C ALA A 206 -10.62 -6.51 -13.26
N ALA A 207 -9.59 -6.06 -12.54
CA ALA A 207 -8.30 -6.77 -12.46
C ALA A 207 -8.37 -8.00 -11.53
N THR A 208 -7.46 -8.96 -11.73
CA THR A 208 -7.20 -10.04 -10.78
C THR A 208 -6.20 -9.51 -9.75
N PRO A 209 -6.53 -9.40 -8.42
CA PRO A 209 -5.58 -8.78 -7.49
C PRO A 209 -4.32 -9.59 -7.15
N SER A 210 -3.21 -8.88 -6.86
CA SER A 210 -1.95 -9.41 -6.30
CA SER A 210 -2.01 -9.50 -6.30
C SER A 210 -1.97 -9.28 -4.77
N VAL A 211 -2.63 -8.24 -4.28
CA VAL A 211 -2.60 -7.81 -2.88
C VAL A 211 -4.03 -7.72 -2.39
N TYR A 212 -4.25 -8.16 -1.13
CA TYR A 212 -5.55 -7.97 -0.43
C TYR A 212 -5.28 -7.22 0.88
N LEU A 213 -6.02 -6.12 1.13
CA LEU A 213 -5.93 -5.31 2.39
C LEU A 213 -7.29 -5.32 3.06
N LEU A 214 -7.27 -5.25 4.40
CA LEU A 214 -8.47 -5.05 5.23
C LEU A 214 -8.45 -3.61 5.77
N TYR A 215 -9.47 -2.81 5.47
CA TYR A 215 -9.68 -1.49 6.01
C TYR A 215 -10.74 -1.55 7.13
N LYS A 216 -10.29 -1.26 8.37
CA LYS A 216 -11.02 -1.44 9.63
C LYS A 216 -10.41 -0.44 10.62
N THR A 217 -11.28 0.29 11.32
CA THR A 217 -10.91 1.31 12.32
C THR A 217 -9.78 2.18 11.76
N SER A 218 -9.94 2.61 10.49
CA SER A 218 -9.02 3.66 9.82
C SER A 218 -7.61 3.13 9.47
N HIS A 219 -7.46 1.82 9.61
CA HIS A 219 -6.15 1.08 9.51
CA HIS A 219 -6.25 1.15 9.51
C HIS A 219 -6.30 0.14 8.33
N TYR A 220 -5.18 -0.03 7.60
CA TYR A 220 -4.99 -1.05 6.53
C TYR A 220 -4.10 -2.19 7.05
N ASN A 221 -4.67 -3.38 7.16
CA ASN A 221 -3.94 -4.61 7.51
C ASN A 221 -3.86 -5.51 6.25
N ILE A 222 -2.92 -6.45 6.24
CA ILE A 222 -2.67 -7.30 5.07
C ILE A 222 -3.36 -8.67 5.22
N LEU A 223 -4.15 -9.06 4.21
CA LEU A 223 -4.83 -10.39 4.20
C LEU A 223 -4.13 -11.36 3.23
N TYR A 224 -4.37 -12.67 3.51
CA TYR A 224 -3.84 -13.82 2.73
C TYR A 224 -5.04 -14.71 2.42
N ALA A 225 -5.22 -14.92 1.10
CA ALA A 225 -6.36 -15.75 0.52
C ALA A 225 -6.13 -17.20 0.89
C J5D B . -3.20 3.68 7.98
O J5D B . -1.70 4.69 9.55
C1 J5D B . -2.94 4.36 9.16
C2 J5D B . -3.82 5.43 11.27
C3 J5D B . -5.11 5.68 11.98
C4 J5D B . -5.66 4.77 12.91
C5 J5D B . -6.87 5.15 13.53
C6 J5D B . -7.59 6.36 13.23
F J5D B . -8.73 6.69 13.87
C7 J5D B . -6.96 7.32 12.28
C8 J5D B . -7.62 8.63 11.92
C9 J5D B . -5.89 6.71 11.89
N J5D B . -3.98 4.69 10.02
C1 PEG C . -27.20 -6.31 5.35
O1 PEG C . -26.97 -7.38 6.50
C2 PEG C . -27.05 -6.25 3.93
O2 PEG C . -27.61 -7.51 3.62
C3 PEG C . -26.48 -8.51 3.27
C4 PEG C . -25.95 -9.11 4.65
O4 PEG C . -24.97 -10.24 4.82
C1 EDO D . -11.92 -12.63 -2.82
O1 EDO D . -13.00 -11.87 -3.24
C2 EDO D . -11.02 -13.35 -3.85
O2 EDO D . -11.08 -14.73 -3.44
C1 EDO E . 1.75 -3.52 14.64
O1 EDO E . 2.78 -4.18 13.90
C2 EDO E . 1.10 -4.69 15.21
O2 EDO E . 2.04 -5.64 15.72
C1 EDO F . -1.35 -18.47 9.66
O1 EDO F . -2.75 -18.84 9.86
C2 EDO F . -0.94 -17.75 10.90
O2 EDO F . 0.27 -18.33 11.43
C1 EDO G . 22.31 3.46 -2.36
O1 EDO G . 22.63 2.95 -3.64
C2 EDO G . 21.08 2.75 -1.77
O2 EDO G . 21.26 1.63 -0.92
C1 EDO H . 6.99 20.89 -6.76
O1 EDO H . 5.69 20.71 -6.16
C2 EDO H . 7.33 19.49 -6.99
O2 EDO H . 6.08 18.81 -7.10
#